data_2WWF
#
_entry.id   2WWF
#
_cell.length_a   110.127
_cell.length_b   110.127
_cell.length_c   120.097
_cell.angle_alpha   90.00
_cell.angle_beta   90.00
_cell.angle_gamma   120.00
#
_symmetry.space_group_name_H-M   'P 31 2 1'
#
loop_
_entity.id
_entity.type
_entity.pdbx_description
1 polymer 'THYMIDILATE KINASE, PUTATIVE'
2 non-polymer "THYMIDINE-5'-PHOSPHATE"
3 non-polymer "ADENOSINE-5'-DIPHOSPHATE"
4 non-polymer 'SODIUM ION'
5 non-polymer GLYCEROL
6 water water
#
_entity_poly.entity_id   1
_entity_poly.type   'polypeptide(L)'
_entity_poly.pdbx_seq_one_letter_code
;SHMTDDKKKGKFIVFEGLDRSGKSTQSKLLVEYLKNNNVEVKHLYFPNRETGIGQIISKYLKMENSMSNETIHLLFSANR
WEHMNEIKSLLLKGIWVVCDRYAYSGVAYSSGALNLNKTWCMNPDQGLIKPDVVFYLNVPPNYAQNRSDYGEEIYEKVET
QKKIYETYKHFAHEDYWINIDATRKIEDIHNDIVKEVTKIKVEPEEFNFLWS
;
_entity_poly.pdbx_strand_id   A,B,C
#
# COMPACT_ATOMS: atom_id res chain seq x y z
N HIS A 2 -18.56 -49.01 -13.28
CA HIS A 2 -18.52 -49.35 -11.86
C HIS A 2 -17.14 -49.84 -11.44
N MET A 3 -16.98 -51.16 -11.41
CA MET A 3 -15.70 -51.77 -11.03
C MET A 3 -14.61 -51.38 -12.01
N THR A 4 -14.94 -51.38 -13.31
CA THR A 4 -13.98 -51.04 -14.34
C THR A 4 -13.99 -49.54 -14.64
N ASP A 5 -14.61 -48.77 -13.75
CA ASP A 5 -14.69 -47.32 -13.92
C ASP A 5 -13.28 -46.77 -14.20
N ASP A 6 -13.16 -46.09 -15.34
CA ASP A 6 -11.88 -45.52 -15.82
C ASP A 6 -12.04 -43.99 -16.03
N LYS A 7 -12.95 -43.40 -15.25
CA LYS A 7 -13.24 -41.98 -15.28
C LYS A 7 -12.18 -41.18 -14.52
N LYS A 8 -11.90 -39.99 -15.02
CA LYS A 8 -11.02 -39.05 -14.37
C LYS A 8 -11.82 -38.48 -13.19
N LYS A 9 -11.31 -38.62 -11.96
CA LYS A 9 -12.03 -38.16 -10.73
C LYS A 9 -11.38 -36.94 -10.07
N GLY A 10 -10.06 -36.84 -10.06
CA GLY A 10 -9.43 -35.60 -9.59
C GLY A 10 -9.41 -34.56 -10.68
N LYS A 11 -9.05 -33.34 -10.31
CA LYS A 11 -8.88 -32.28 -11.25
C LYS A 11 -7.37 -32.06 -11.42
N PHE A 12 -7.02 -31.48 -12.57
CA PHE A 12 -5.63 -31.29 -13.02
C PHE A 12 -5.49 -29.81 -13.29
N ILE A 13 -4.70 -29.13 -12.47
CA ILE A 13 -4.48 -27.71 -12.60
C ILE A 13 -2.99 -27.45 -12.93
N VAL A 14 -2.75 -26.65 -13.97
CA VAL A 14 -1.36 -26.30 -14.35
C VAL A 14 -1.12 -24.84 -14.12
N PHE A 15 0.09 -24.51 -13.64
CA PHE A 15 0.57 -23.14 -13.64
C PHE A 15 1.58 -22.94 -14.72
N GLU A 16 1.44 -21.82 -15.45
CA GLU A 16 2.43 -21.43 -16.48
C GLU A 16 2.87 -20.01 -16.21
N GLY A 17 3.97 -19.56 -16.82
CA GLY A 17 4.44 -18.21 -16.47
C GLY A 17 5.91 -18.05 -16.85
N LEU A 18 6.39 -16.81 -16.99
CA LEU A 18 7.80 -16.57 -17.20
C LEU A 18 8.67 -17.07 -16.05
N ASP A 19 10.01 -17.05 -16.20
CA ASP A 19 10.90 -17.46 -15.13
C ASP A 19 10.75 -16.58 -13.86
N ARG A 20 10.60 -17.21 -12.69
CA ARG A 20 10.52 -16.51 -11.41
C ARG A 20 9.21 -15.72 -11.29
N SER A 21 8.17 -16.10 -12.03
CA SER A 21 6.93 -15.35 -12.02
C SER A 21 6.10 -15.72 -10.75
N GLY A 22 6.54 -16.72 -9.94
CA GLY A 22 5.79 -17.16 -8.75
C GLY A 22 5.03 -18.46 -8.84
N LYS A 23 5.37 -19.33 -9.83
CA LYS A 23 4.64 -20.60 -9.97
C LYS A 23 4.81 -21.55 -8.77
N SER A 24 6.03 -21.78 -8.30
CA SER A 24 6.23 -22.70 -7.12
C SER A 24 5.47 -22.11 -5.90
N THR A 25 5.61 -20.80 -5.72
CA THR A 25 4.87 -20.06 -4.62
C THR A 25 3.34 -20.31 -4.61
N GLN A 26 2.72 -20.05 -5.76
CA GLN A 26 1.30 -20.22 -5.97
C GLN A 26 0.81 -21.68 -5.98
N SER A 27 1.59 -22.59 -6.60
CA SER A 27 1.18 -24.00 -6.61
C SER A 27 1.25 -24.59 -5.16
N LYS A 28 2.27 -24.24 -4.35
CA LYS A 28 2.32 -24.67 -2.96
C LYS A 28 1.14 -24.10 -2.13
N LEU A 29 0.85 -22.80 -2.28
CA LEU A 29 -0.34 -22.22 -1.63
C LEU A 29 -1.64 -22.88 -2.04
N LEU A 30 -1.80 -23.18 -3.32
CA LEU A 30 -3.00 -23.91 -3.72
C LEU A 30 -3.10 -25.33 -3.14
N VAL A 31 -2.01 -26.06 -3.23
CA VAL A 31 -1.93 -27.39 -2.58
C VAL A 31 -2.34 -27.30 -1.09
N GLU A 32 -1.78 -26.35 -0.35
CA GLU A 32 -2.16 -26.17 1.08
C GLU A 32 -3.65 -25.84 1.23
N TYR A 33 -4.17 -24.97 0.39
CA TYR A 33 -5.60 -24.64 0.42
C TYR A 33 -6.46 -25.88 0.15
N LEU A 34 -6.08 -26.68 -0.85
CA LEU A 34 -6.84 -27.90 -1.15
C LEU A 34 -6.80 -28.89 0.02
N LYS A 35 -5.62 -29.07 0.61
CA LYS A 35 -5.49 -29.96 1.79
C LYS A 35 -6.37 -29.48 2.92
N ASN A 36 -6.47 -28.16 3.09
CA ASN A 36 -7.29 -27.57 4.17
C ASN A 36 -8.77 -27.72 3.90
N ASN A 37 -9.16 -27.96 2.66
CA ASN A 37 -10.54 -28.23 2.39
C ASN A 37 -10.79 -29.70 2.10
N ASN A 38 -9.94 -30.53 2.67
CA ASN A 38 -10.15 -31.98 2.59
C ASN A 38 -10.13 -32.56 1.16
N VAL A 39 -9.29 -31.99 0.29
CA VAL A 39 -9.11 -32.52 -1.09
C VAL A 39 -7.70 -33.14 -1.12
N GLU A 40 -7.61 -34.40 -1.55
CA GLU A 40 -6.33 -35.07 -1.63
C GLU A 40 -5.65 -34.57 -2.92
N VAL A 41 -4.36 -34.26 -2.86
CA VAL A 41 -3.71 -33.54 -3.98
C VAL A 41 -2.22 -33.87 -3.98
N LYS A 42 -1.65 -33.95 -5.18
CA LYS A 42 -0.23 -34.16 -5.32
C LYS A 42 0.34 -32.98 -6.15
N HIS A 43 1.51 -32.52 -5.75
CA HIS A 43 2.13 -31.38 -6.39
C HIS A 43 3.20 -31.95 -7.35
N LEU A 44 3.11 -31.65 -8.65
CA LEU A 44 4.12 -32.15 -9.62
C LEU A 44 4.69 -30.94 -10.33
N TYR A 45 5.75 -31.15 -11.11
CA TYR A 45 6.33 -30.02 -11.84
C TYR A 45 7.17 -30.49 -13.05
N PHE A 46 7.35 -29.62 -14.04
CA PHE A 46 8.22 -29.98 -15.18
C PHE A 46 9.21 -28.84 -15.40
N PRO A 47 10.44 -29.16 -15.84
CA PRO A 47 10.96 -30.53 -16.03
C PRO A 47 11.15 -31.20 -14.67
N ASN A 48 10.91 -32.49 -14.62
CA ASN A 48 11.36 -33.27 -13.43
C ASN A 48 12.83 -33.60 -13.67
N ARG A 49 13.72 -32.92 -12.92
CA ARG A 49 15.19 -33.05 -13.17
C ARG A 49 15.78 -34.34 -12.59
N GLU A 50 14.96 -35.14 -11.92
CA GLU A 50 15.51 -36.32 -11.15
C GLU A 50 15.57 -37.57 -12.03
N THR A 51 14.84 -37.59 -13.15
CA THR A 51 14.87 -38.81 -13.98
C THR A 51 16.16 -38.78 -14.83
N GLY A 52 16.46 -39.88 -15.53
CA GLY A 52 17.59 -39.87 -16.50
C GLY A 52 17.45 -38.75 -17.53
N ILE A 53 16.26 -38.61 -18.12
CA ILE A 53 16.04 -37.54 -19.09
C ILE A 53 16.17 -36.16 -18.39
N GLY A 54 15.57 -36.04 -17.20
CA GLY A 54 15.60 -34.74 -16.51
C GLY A 54 17.01 -34.29 -16.11
N GLN A 55 17.90 -35.23 -15.87
CA GLN A 55 19.27 -34.91 -15.54
C GLN A 55 19.95 -34.20 -16.71
N ILE A 56 19.71 -34.70 -17.91
CA ILE A 56 20.28 -34.11 -19.12
C ILE A 56 19.68 -32.72 -19.32
N ILE A 57 18.36 -32.63 -19.10
CA ILE A 57 17.70 -31.32 -19.16
C ILE A 57 18.31 -30.29 -18.16
N SER A 58 18.49 -30.73 -16.94
CA SER A 58 19.05 -29.86 -15.93
C SER A 58 20.48 -29.33 -16.36
N LYS A 59 21.32 -30.21 -16.91
CA LYS A 59 22.61 -29.74 -17.45
C LYS A 59 22.48 -28.71 -18.56
N TYR A 60 21.53 -28.88 -19.45
CA TYR A 60 21.23 -27.91 -20.49
C TYR A 60 20.87 -26.53 -19.88
N LEU A 61 19.95 -26.55 -18.92
CA LEU A 61 19.45 -25.30 -18.28
C LEU A 61 20.55 -24.61 -17.52
N LYS A 62 21.48 -25.37 -16.97
CA LYS A 62 22.58 -24.78 -16.23
C LYS A 62 23.79 -24.51 -17.10
N MET A 63 23.71 -24.80 -18.41
CA MET A 63 24.82 -24.53 -19.39
C MET A 63 26.05 -25.32 -19.06
N GLU A 64 25.80 -26.51 -18.50
CA GLU A 64 26.84 -27.49 -18.20
C GLU A 64 27.09 -28.35 -19.45
N ASN A 65 26.14 -28.37 -20.38
CA ASN A 65 26.29 -29.00 -21.71
C ASN A 65 25.71 -28.01 -22.73
N SER A 66 25.79 -28.32 -24.02
CA SER A 66 25.07 -27.54 -25.05
C SER A 66 24.40 -28.60 -25.89
N MET A 67 23.19 -28.30 -26.40
CA MET A 67 22.42 -29.27 -27.20
C MET A 67 21.75 -28.55 -28.33
N SER A 68 21.43 -29.25 -29.41
CA SER A 68 20.74 -28.63 -30.51
C SER A 68 19.26 -28.32 -30.11
N ASN A 69 18.64 -27.30 -30.72
CA ASN A 69 17.26 -26.91 -30.38
C ASN A 69 16.24 -28.08 -30.38
N GLU A 70 16.23 -28.87 -31.46
CA GLU A 70 15.31 -30.01 -31.59
C GLU A 70 15.54 -31.08 -30.56
N THR A 71 16.81 -31.36 -30.29
CA THR A 71 17.11 -32.42 -29.32
C THR A 71 16.53 -32.06 -27.95
N ILE A 72 16.83 -30.87 -27.46
CA ILE A 72 16.36 -30.51 -26.09
C ILE A 72 14.82 -30.34 -26.08
N HIS A 73 14.25 -29.82 -27.18
CA HIS A 73 12.77 -29.74 -27.25
C HIS A 73 12.10 -31.13 -27.02
N LEU A 74 12.63 -32.13 -27.73
CA LEU A 74 12.06 -33.48 -27.63
C LEU A 74 12.30 -34.11 -26.24
N LEU A 75 13.43 -33.80 -25.59
CA LEU A 75 13.61 -34.31 -24.22
C LEU A 75 12.58 -33.70 -23.25
N PHE A 76 12.27 -32.41 -23.43
CA PHE A 76 11.29 -31.75 -22.51
C PHE A 76 9.93 -32.46 -22.65
N SER A 77 9.60 -32.81 -23.89
CA SER A 77 8.35 -33.60 -24.14
C SER A 77 8.39 -35.05 -23.57
N ALA A 78 9.47 -35.77 -23.86
CA ALA A 78 9.65 -37.13 -23.32
C ALA A 78 9.58 -37.13 -21.78
N ASN A 79 10.12 -36.09 -21.14
CA ASN A 79 10.07 -35.93 -19.67
C ASN A 79 8.62 -35.87 -19.14
N ARG A 80 7.73 -35.22 -19.88
CA ARG A 80 6.26 -35.29 -19.57
C ARG A 80 5.66 -36.67 -19.80
N TRP A 81 5.97 -37.30 -20.95
CA TRP A 81 5.42 -38.61 -21.20
C TRP A 81 5.75 -39.61 -20.11
N GLU A 82 6.97 -39.56 -19.58
CA GLU A 82 7.33 -40.60 -18.59
C GLU A 82 6.56 -40.41 -17.25
N HIS A 83 5.80 -39.32 -17.17
CA HIS A 83 4.89 -39.07 -16.03
C HIS A 83 3.44 -39.36 -16.31
N MET A 84 3.08 -39.71 -17.55
CA MET A 84 1.66 -40.00 -17.83
C MET A 84 1.01 -41.12 -17.04
N ASN A 85 1.75 -42.22 -16.80
N ASN A 85 1.74 -42.21 -16.80
CA ASN A 85 1.20 -43.34 -16.01
CA ASN A 85 1.17 -43.31 -16.02
C ASN A 85 0.83 -42.85 -14.60
C ASN A 85 0.81 -42.82 -14.61
N GLU A 86 1.75 -42.09 -14.01
CA GLU A 86 1.54 -41.52 -12.65
C GLU A 86 0.39 -40.53 -12.57
N ILE A 87 0.37 -39.52 -13.45
CA ILE A 87 -0.75 -38.58 -13.50
C ILE A 87 -2.11 -39.22 -13.78
N LYS A 88 -2.16 -40.13 -14.71
CA LYS A 88 -3.37 -40.86 -14.98
C LYS A 88 -3.85 -41.63 -13.74
N SER A 89 -2.95 -42.37 -13.12
CA SER A 89 -3.35 -43.13 -11.92
C SER A 89 -3.87 -42.25 -10.79
N LEU A 90 -3.16 -41.15 -10.53
CA LEU A 90 -3.60 -40.21 -9.47
C LEU A 90 -5.00 -39.72 -9.76
N LEU A 91 -5.22 -39.28 -11.00
CA LEU A 91 -6.50 -38.69 -11.35
C LEU A 91 -7.67 -39.72 -11.33
N LEU A 92 -7.41 -40.95 -11.80
CA LEU A 92 -8.37 -42.04 -11.68
C LEU A 92 -8.75 -42.29 -10.20
N LYS A 93 -7.81 -42.10 -9.30
CA LYS A 93 -8.02 -42.36 -7.87
C LYS A 93 -8.87 -41.27 -7.21
N GLY A 94 -8.92 -40.11 -7.87
CA GLY A 94 -9.63 -38.91 -7.33
C GLY A 94 -8.65 -37.97 -6.68
N ILE A 95 -7.35 -38.18 -6.86
CA ILE A 95 -6.37 -37.26 -6.33
C ILE A 95 -6.14 -36.13 -7.33
N TRP A 96 -6.17 -34.88 -6.86
CA TRP A 96 -5.97 -33.74 -7.76
C TRP A 96 -4.48 -33.64 -8.09
N VAL A 97 -4.16 -33.08 -9.26
CA VAL A 97 -2.73 -32.88 -9.56
C VAL A 97 -2.56 -31.36 -9.75
N VAL A 98 -1.67 -30.75 -8.98
CA VAL A 98 -1.34 -29.38 -9.21
C VAL A 98 0.09 -29.34 -9.78
N CYS A 99 0.25 -28.77 -10.97
CA CYS A 99 1.52 -28.97 -11.67
C CYS A 99 2.16 -27.67 -12.11
N ASP A 100 3.44 -27.47 -11.74
N ASP A 100 3.44 -27.51 -11.79
CA ASP A 100 4.21 -26.27 -12.14
CA ASP A 100 4.15 -26.30 -12.13
C ASP A 100 4.83 -26.54 -13.52
C ASP A 100 4.83 -26.52 -13.50
N ARG A 101 4.25 -25.93 -14.57
CA ARG A 101 4.69 -26.03 -16.02
C ARG A 101 4.18 -27.30 -16.65
N TYR A 102 3.86 -27.19 -17.93
CA TYR A 102 3.49 -28.32 -18.73
C TYR A 102 3.83 -28.12 -20.20
N ALA A 103 3.02 -28.67 -21.09
CA ALA A 103 3.37 -28.62 -22.52
C ALA A 103 3.35 -27.20 -23.08
N TYR A 104 2.60 -26.32 -22.41
CA TYR A 104 2.56 -24.89 -22.86
C TYR A 104 3.93 -24.24 -22.69
N SER A 105 4.61 -24.45 -21.56
CA SER A 105 6.03 -24.06 -21.45
C SER A 105 6.83 -24.59 -22.69
N GLY A 106 6.66 -25.88 -22.98
CA GLY A 106 7.42 -26.52 -24.10
C GLY A 106 7.30 -25.71 -25.36
N VAL A 107 6.06 -25.39 -25.70
CA VAL A 107 5.78 -24.68 -26.95
C VAL A 107 6.23 -23.25 -26.86
N ALA A 108 5.95 -22.57 -25.74
CA ALA A 108 6.26 -21.14 -25.68
C ALA A 108 7.78 -20.88 -25.67
N TYR A 109 8.51 -21.67 -24.88
CA TYR A 109 9.97 -21.48 -24.72
C TYR A 109 10.67 -21.86 -26.01
N SER A 110 10.32 -23.02 -26.59
CA SER A 110 10.99 -23.48 -27.83
C SER A 110 10.67 -22.57 -29.02
N SER A 111 9.40 -22.14 -29.16
CA SER A 111 9.08 -21.31 -30.32
C SER A 111 9.60 -19.90 -30.13
N GLY A 112 9.68 -19.42 -28.88
CA GLY A 112 10.11 -18.05 -28.62
C GLY A 112 11.62 -17.90 -28.47
N ALA A 113 12.22 -18.73 -27.63
CA ALA A 113 13.65 -18.66 -27.44
C ALA A 113 14.48 -19.37 -28.54
N LEU A 114 13.98 -20.49 -29.03
CA LEU A 114 14.76 -21.30 -30.00
C LEU A 114 14.28 -21.12 -31.42
N ASN A 115 13.22 -20.30 -31.60
CA ASN A 115 12.63 -20.06 -32.91
C ASN A 115 12.20 -21.31 -33.64
N LEU A 116 11.79 -22.35 -32.92
CA LEU A 116 11.25 -23.52 -33.58
C LEU A 116 9.83 -23.28 -34.02
N ASN A 117 9.45 -24.00 -35.07
CA ASN A 117 8.15 -23.94 -35.72
C ASN A 117 7.11 -24.39 -34.68
N LYS A 118 6.03 -23.61 -34.52
CA LYS A 118 5.08 -23.91 -33.44
C LYS A 118 4.38 -25.23 -33.61
N THR A 119 3.92 -25.56 -34.81
CA THR A 119 3.27 -26.87 -35.05
C THR A 119 4.22 -28.02 -34.78
N TRP A 120 5.47 -27.87 -35.26
CA TRP A 120 6.50 -28.91 -34.92
C TRP A 120 6.66 -29.06 -33.39
N CYS A 121 6.72 -27.93 -32.66
CA CYS A 121 6.84 -27.99 -31.20
C CYS A 121 5.64 -28.66 -30.50
N MET A 122 4.43 -28.47 -31.02
CA MET A 122 3.25 -29.07 -30.39
C MET A 122 3.19 -30.55 -30.62
N ASN A 123 3.62 -30.98 -31.79
CA ASN A 123 3.38 -32.41 -32.15
C ASN A 123 3.72 -33.47 -31.11
N PRO A 124 4.96 -33.43 -30.51
CA PRO A 124 5.30 -34.56 -29.63
C PRO A 124 4.46 -34.56 -28.35
N ASP A 125 3.91 -33.40 -27.93
CA ASP A 125 2.99 -33.36 -26.75
C ASP A 125 1.52 -33.72 -27.06
N GLN A 126 1.18 -33.82 -28.34
CA GLN A 126 -0.11 -34.40 -28.70
C GLN A 126 -0.36 -35.78 -28.06
N GLY A 127 -1.52 -35.90 -27.37
CA GLY A 127 -1.79 -37.19 -26.66
C GLY A 127 -1.54 -37.14 -25.12
N LEU A 128 -0.85 -36.15 -24.63
CA LEU A 128 -0.69 -35.96 -23.15
C LEU A 128 -2.09 -35.64 -22.55
N ILE A 129 -2.29 -35.98 -21.28
CA ILE A 129 -3.57 -35.68 -20.62
C ILE A 129 -3.71 -34.19 -20.57
N LYS A 130 -4.92 -33.73 -20.90
CA LYS A 130 -5.24 -32.29 -20.91
C LYS A 130 -5.71 -31.83 -19.47
N PRO A 131 -5.16 -30.74 -18.94
CA PRO A 131 -5.61 -30.26 -17.61
C PRO A 131 -7.01 -29.59 -17.69
N ASP A 132 -7.63 -29.39 -16.53
CA ASP A 132 -8.91 -28.70 -16.43
C ASP A 132 -8.76 -27.20 -16.60
N VAL A 133 -7.65 -26.64 -16.15
CA VAL A 133 -7.41 -25.23 -16.18
C VAL A 133 -5.89 -24.99 -16.09
N VAL A 134 -5.47 -23.90 -16.72
CA VAL A 134 -4.13 -23.37 -16.66
C VAL A 134 -4.22 -21.95 -16.15
N PHE A 135 -3.56 -21.67 -15.03
CA PHE A 135 -3.37 -20.31 -14.56
C PHE A 135 -2.04 -19.82 -15.10
N TYR A 136 -2.09 -18.75 -15.85
CA TYR A 136 -0.91 -18.12 -16.39
C TYR A 136 -0.61 -16.89 -15.54
N LEU A 137 0.52 -16.96 -14.84
CA LEU A 137 0.89 -15.93 -13.91
C LEU A 137 1.60 -14.89 -14.81
N ASN A 138 0.82 -13.89 -15.20
CA ASN A 138 1.29 -12.89 -16.17
C ASN A 138 2.15 -11.82 -15.52
N VAL A 139 3.42 -11.76 -15.91
CA VAL A 139 4.26 -10.67 -15.50
C VAL A 139 4.93 -10.11 -16.76
N PRO A 140 5.15 -8.78 -16.80
CA PRO A 140 5.96 -8.27 -17.95
C PRO A 140 7.34 -8.89 -18.02
N PRO A 141 7.93 -8.90 -19.23
CA PRO A 141 9.24 -9.60 -19.39
C PRO A 141 10.40 -9.03 -18.59
N ASN A 142 10.32 -7.78 -18.12
CA ASN A 142 11.41 -7.19 -17.33
C ASN A 142 11.13 -7.30 -15.80
N TYR A 143 9.93 -7.74 -15.47
CA TYR A 143 9.43 -7.57 -14.11
C TYR A 143 10.17 -8.36 -13.06
N ALA A 144 10.49 -9.64 -13.33
CA ALA A 144 11.00 -10.53 -12.32
C ALA A 144 12.53 -10.55 -12.18
N GLN A 145 13.21 -9.72 -12.95
CA GLN A 145 14.66 -9.76 -13.00
C GLN A 145 15.32 -9.48 -11.64
N ASN A 146 14.59 -8.93 -10.68
CA ASN A 146 15.22 -8.75 -9.33
C ASN A 146 14.93 -9.85 -8.31
N ARG A 147 14.19 -10.91 -8.67
CA ARG A 147 13.81 -11.93 -7.67
C ARG A 147 14.92 -12.91 -7.53
N SER A 148 14.97 -13.57 -6.38
CA SER A 148 16.18 -14.22 -5.86
C SER A 148 17.25 -14.73 -6.88
N ASP A 149 17.15 -15.93 -7.40
CA ASP A 149 18.31 -16.41 -8.17
C ASP A 149 18.33 -16.05 -9.68
N TYR A 150 17.54 -15.05 -10.08
CA TYR A 150 17.29 -14.80 -11.53
C TYR A 150 18.61 -14.60 -12.32
N GLY A 151 18.75 -15.33 -13.43
CA GLY A 151 19.91 -15.18 -14.31
C GLY A 151 20.84 -16.37 -14.18
N GLU A 152 20.53 -17.25 -13.23
CA GLU A 152 21.27 -18.49 -13.05
C GLU A 152 21.15 -19.51 -14.20
N GLU A 153 19.98 -19.56 -14.87
CA GLU A 153 19.76 -20.57 -15.92
C GLU A 153 19.54 -19.98 -17.30
N ILE A 154 19.56 -20.85 -18.29
CA ILE A 154 19.82 -20.43 -19.69
C ILE A 154 18.85 -19.38 -20.26
N TYR A 155 17.56 -19.47 -19.95
CA TYR A 155 16.57 -18.58 -20.55
C TYR A 155 16.37 -17.27 -19.75
N GLU A 156 17.09 -17.11 -18.64
CA GLU A 156 16.83 -15.98 -17.69
C GLU A 156 17.66 -14.77 -18.08
N LYS A 157 17.39 -14.26 -19.26
CA LYS A 157 17.90 -12.93 -19.68
C LYS A 157 16.66 -12.18 -20.11
N VAL A 158 16.61 -10.90 -19.80
CA VAL A 158 15.42 -10.11 -20.19
C VAL A 158 15.11 -10.16 -21.71
N GLU A 159 16.13 -10.12 -22.56
CA GLU A 159 15.83 -10.17 -24.03
C GLU A 159 15.18 -11.52 -24.42
N THR A 160 15.56 -12.62 -23.74
CA THR A 160 14.91 -13.94 -24.06
C THR A 160 13.51 -13.95 -23.51
N GLN A 161 13.36 -13.41 -22.28
CA GLN A 161 12.02 -13.35 -21.65
C GLN A 161 11.03 -12.58 -22.48
N LYS A 162 11.49 -11.48 -23.11
CA LYS A 162 10.64 -10.75 -24.05
C LYS A 162 10.13 -11.63 -25.16
N LYS A 163 11.00 -12.49 -25.73
CA LYS A 163 10.50 -13.33 -26.83
C LYS A 163 9.48 -14.35 -26.32
N ILE A 164 9.74 -14.89 -25.11
CA ILE A 164 8.86 -15.98 -24.61
C ILE A 164 7.52 -15.41 -24.17
N TYR A 165 7.56 -14.17 -23.66
CA TYR A 165 6.32 -13.43 -23.34
C TYR A 165 5.39 -13.40 -24.57
N GLU A 166 5.95 -13.13 -25.76
CA GLU A 166 5.08 -13.12 -26.99
C GLU A 166 4.60 -14.47 -27.39
N THR A 167 5.42 -15.51 -27.20
CA THR A 167 4.98 -16.83 -27.71
C THR A 167 4.02 -17.51 -26.71
N TYR A 168 4.03 -17.07 -25.45
CA TYR A 168 2.96 -17.53 -24.53
C TYR A 168 1.56 -17.10 -24.97
N LYS A 169 1.52 -16.08 -25.82
CA LYS A 169 0.24 -15.62 -26.37
C LYS A 169 -0.36 -16.62 -27.33
N HIS A 170 0.40 -17.64 -27.77
CA HIS A 170 -0.17 -18.72 -28.56
C HIS A 170 -1.34 -19.34 -27.85
N PHE A 171 -1.42 -19.20 -26.53
CA PHE A 171 -2.54 -19.88 -25.81
C PHE A 171 -3.49 -18.89 -25.17
N ALA A 172 -3.25 -17.60 -25.41
CA ALA A 172 -3.86 -16.56 -24.58
C ALA A 172 -5.38 -16.51 -24.71
N HIS A 173 -5.94 -17.03 -25.80
CA HIS A 173 -7.38 -16.91 -26.09
C HIS A 173 -8.10 -18.23 -25.96
N GLU A 174 -7.39 -19.21 -25.39
CA GLU A 174 -8.02 -20.51 -25.21
C GLU A 174 -8.92 -20.52 -24.00
N ASP A 175 -10.00 -21.32 -24.04
CA ASP A 175 -10.96 -21.29 -22.91
C ASP A 175 -10.35 -21.86 -21.62
N TYR A 176 -9.42 -22.81 -21.73
CA TYR A 176 -8.76 -23.33 -20.46
C TYR A 176 -7.74 -22.37 -19.85
N TRP A 177 -7.38 -21.27 -20.54
CA TRP A 177 -6.23 -20.46 -20.14
C TRP A 177 -6.74 -19.31 -19.30
N ILE A 178 -6.30 -19.18 -18.06
CA ILE A 178 -6.80 -18.09 -17.22
C ILE A 178 -5.68 -17.14 -16.93
N ASN A 179 -5.69 -15.96 -17.55
CA ASN A 179 -4.68 -14.94 -17.25
C ASN A 179 -4.83 -14.44 -15.83
N ILE A 180 -3.73 -14.44 -15.06
CA ILE A 180 -3.69 -13.90 -13.71
C ILE A 180 -2.61 -12.83 -13.66
N ASP A 181 -2.97 -11.64 -13.20
CA ASP A 181 -2.00 -10.58 -13.00
C ASP A 181 -1.09 -10.91 -11.84
N ALA A 182 0.15 -11.24 -12.11
CA ALA A 182 1.02 -11.78 -11.06
C ALA A 182 2.02 -10.73 -10.59
N THR A 183 1.76 -9.44 -10.90
CA THR A 183 2.63 -8.37 -10.38
C THR A 183 2.08 -7.79 -9.08
N ARG A 184 1.27 -8.57 -8.39
CA ARG A 184 0.63 -8.19 -7.13
C ARG A 184 1.19 -8.96 -5.93
N LYS A 185 0.69 -8.67 -4.74
CA LYS A 185 1.02 -9.42 -3.55
C LYS A 185 0.59 -10.89 -3.70
N ILE A 186 1.36 -11.76 -3.06
CA ILE A 186 1.19 -13.21 -3.11
C ILE A 186 -0.27 -13.56 -2.76
N GLU A 187 -0.74 -12.97 -1.66
CA GLU A 187 -2.08 -13.29 -1.18
C GLU A 187 -3.17 -12.86 -2.12
N ASP A 188 -3.00 -11.75 -2.83
CA ASP A 188 -4.02 -11.33 -3.79
C ASP A 188 -4.12 -12.27 -4.98
N ILE A 189 -2.94 -12.64 -5.50
CA ILE A 189 -2.86 -13.61 -6.57
C ILE A 189 -3.54 -14.91 -6.10
N HIS A 190 -3.16 -15.40 -4.95
CA HIS A 190 -3.77 -16.65 -4.45
C HIS A 190 -5.29 -16.57 -4.30
N ASN A 191 -5.80 -15.43 -3.80
CA ASN A 191 -7.26 -15.33 -3.68
C ASN A 191 -7.97 -15.41 -5.02
N ASP A 192 -7.38 -14.83 -6.07
CA ASP A 192 -7.96 -14.91 -7.42
C ASP A 192 -7.99 -16.36 -7.91
N ILE A 193 -6.88 -17.07 -7.65
CA ILE A 193 -6.76 -18.48 -8.07
C ILE A 193 -7.82 -19.32 -7.35
N VAL A 194 -7.98 -19.08 -6.05
CA VAL A 194 -8.98 -19.83 -5.26
C VAL A 194 -10.36 -19.56 -5.83
N LYS A 195 -10.65 -18.32 -6.17
CA LYS A 195 -11.97 -17.98 -6.71
C LYS A 195 -12.28 -18.76 -7.97
N GLU A 196 -11.29 -18.87 -8.83
CA GLU A 196 -11.45 -19.63 -10.04
C GLU A 196 -11.54 -21.14 -9.76
N VAL A 197 -10.76 -21.61 -8.81
CA VAL A 197 -10.76 -23.06 -8.52
C VAL A 197 -12.13 -23.48 -7.95
N THR A 198 -12.73 -22.65 -7.10
CA THR A 198 -14.03 -23.00 -6.56
C THR A 198 -15.13 -23.12 -7.64
N LYS A 199 -14.93 -22.60 -8.85
CA LYS A 199 -15.93 -22.79 -9.90
C LYS A 199 -15.79 -24.08 -10.68
N ILE A 200 -14.75 -24.85 -10.41
CA ILE A 200 -14.55 -26.09 -11.16
C ILE A 200 -15.64 -27.09 -10.73
N LYS A 201 -16.24 -27.74 -11.73
CA LYS A 201 -17.31 -28.70 -11.52
C LYS A 201 -16.68 -30.01 -11.03
N VAL A 202 -17.22 -30.56 -9.96
CA VAL A 202 -16.51 -31.62 -9.29
C VAL A 202 -16.69 -33.08 -9.73
N GLU A 203 -17.60 -33.37 -10.62
CA GLU A 203 -17.95 -34.71 -11.05
C GLU A 203 -16.89 -35.50 -11.85
N PRO A 204 -16.85 -36.82 -11.72
CA PRO A 204 -16.06 -37.72 -12.58
C PRO A 204 -16.45 -37.49 -14.07
N GLU A 205 -15.48 -37.56 -15.01
CA GLU A 205 -15.69 -37.21 -16.41
C GLU A 205 -14.67 -38.06 -17.20
N GLU A 206 -14.76 -38.04 -18.53
CA GLU A 206 -13.78 -38.79 -19.34
C GLU A 206 -12.47 -37.95 -19.38
N PHE A 207 -11.33 -38.64 -19.49
CA PHE A 207 -10.06 -37.91 -19.71
C PHE A 207 -10.14 -37.25 -21.07
N ASN A 208 -9.55 -36.07 -21.21
CA ASN A 208 -9.32 -35.45 -22.51
C ASN A 208 -7.76 -35.35 -22.71
N PHE A 209 -7.35 -35.04 -23.94
CA PHE A 209 -5.92 -35.10 -24.34
C PHE A 209 -5.54 -33.88 -25.19
N LEU A 210 -4.27 -33.45 -25.09
CA LEU A 210 -3.80 -32.40 -25.96
C LEU A 210 -3.85 -32.93 -27.40
N TRP A 211 -4.13 -32.06 -28.38
CA TRP A 211 -4.38 -30.66 -28.19
C TRP A 211 -5.90 -30.36 -28.44
N SER A 212 -6.77 -31.18 -27.87
CA SER A 212 -8.20 -31.01 -28.08
C SER A 212 -8.73 -29.87 -27.23
N ASP B 5 11.16 22.45 -19.43
CA ASP B 5 11.56 21.06 -19.06
C ASP B 5 11.32 20.76 -17.57
N ASP B 6 10.57 19.69 -17.33
CA ASP B 6 10.10 19.28 -16.03
C ASP B 6 10.52 17.82 -15.85
N LYS B 7 11.60 17.39 -16.52
CA LYS B 7 12.04 15.99 -16.45
C LYS B 7 12.89 15.67 -15.23
N LYS B 8 12.64 14.50 -14.63
CA LYS B 8 13.49 13.96 -13.61
C LYS B 8 14.81 13.57 -14.27
N LYS B 9 15.92 14.13 -13.80
CA LYS B 9 17.23 13.80 -14.37
C LYS B 9 18.17 13.00 -13.49
N GLY B 10 17.99 13.04 -12.17
CA GLY B 10 18.89 12.25 -11.30
C GLY B 10 18.11 10.99 -10.93
N LYS B 11 18.75 10.06 -10.24
CA LYS B 11 18.09 8.84 -9.75
C LYS B 11 17.78 9.01 -8.25
N PHE B 12 16.74 8.30 -7.80
CA PHE B 12 16.22 8.41 -6.40
C PHE B 12 16.28 6.96 -5.83
N ILE B 13 17.20 6.76 -4.89
CA ILE B 13 17.45 5.41 -4.34
C ILE B 13 17.06 5.44 -2.88
N VAL B 14 16.18 4.53 -2.46
CA VAL B 14 15.77 4.52 -1.06
C VAL B 14 16.25 3.24 -0.38
N PHE B 15 16.68 3.33 0.88
CA PHE B 15 16.97 2.15 1.71
C PHE B 15 15.84 1.89 2.72
N GLU B 16 15.44 0.62 2.86
CA GLU B 16 14.43 0.20 3.83
C GLU B 16 14.96 -0.95 4.66
N GLY B 17 14.28 -1.25 5.76
CA GLY B 17 14.79 -2.30 6.66
C GLY B 17 14.42 -2.07 8.11
N LEU B 18 14.69 -3.07 8.95
CA LEU B 18 14.40 -2.99 10.35
C LEU B 18 15.37 -2.04 11.05
N ASP B 19 15.15 -1.78 12.33
CA ASP B 19 16.10 -0.95 13.10
C ASP B 19 17.43 -1.68 13.16
N ARG B 20 18.52 -0.94 12.93
CA ARG B 20 19.86 -1.51 12.96
C ARG B 20 20.16 -2.51 11.85
N SER B 21 19.44 -2.43 10.72
CA SER B 21 19.71 -3.36 9.63
C SER B 21 20.88 -2.94 8.71
N GLY B 22 21.43 -1.76 8.97
CA GLY B 22 22.61 -1.26 8.27
C GLY B 22 22.33 -0.18 7.24
N LYS B 23 21.21 0.54 7.39
CA LYS B 23 20.88 1.60 6.42
C LYS B 23 21.83 2.79 6.41
N SER B 24 22.23 3.27 7.58
CA SER B 24 23.11 4.46 7.63
C SER B 24 24.46 4.01 7.02
N THR B 25 24.87 2.82 7.41
CA THR B 25 26.15 2.27 6.90
C THR B 25 26.14 2.15 5.37
N GLN B 26 25.13 1.49 4.80
CA GLN B 26 25.15 1.23 3.35
C GLN B 26 24.82 2.50 2.57
N SER B 27 23.94 3.37 3.09
CA SER B 27 23.64 4.61 2.33
C SER B 27 24.88 5.56 2.37
N LYS B 28 25.61 5.59 3.50
CA LYS B 28 26.86 6.38 3.50
C LYS B 28 27.90 5.87 2.47
N LEU B 29 28.11 4.57 2.41
CA LEU B 29 29.02 4.00 1.43
C LEU B 29 28.58 4.23 -0.02
N LEU B 30 27.28 4.08 -0.30
CA LEU B 30 26.80 4.29 -1.64
C LEU B 30 27.02 5.77 -2.01
N VAL B 31 26.78 6.71 -1.06
CA VAL B 31 26.99 8.13 -1.36
C VAL B 31 28.48 8.38 -1.66
N GLU B 32 29.38 7.82 -0.83
CA GLU B 32 30.84 7.95 -1.06
C GLU B 32 31.25 7.38 -2.40
N TYR B 33 30.69 6.23 -2.74
CA TYR B 33 30.90 5.65 -4.03
C TYR B 33 30.49 6.49 -5.26
N LEU B 34 29.26 6.97 -5.25
CA LEU B 34 28.77 7.85 -6.28
C LEU B 34 29.63 9.09 -6.47
N LYS B 35 29.94 9.76 -5.36
CA LYS B 35 30.80 10.91 -5.38
C LYS B 35 32.18 10.58 -6.02
N ASN B 36 32.69 9.38 -5.77
CA ASN B 36 34.00 8.97 -6.31
C ASN B 36 33.93 8.64 -7.78
N ASN B 37 32.71 8.50 -8.28
CA ASN B 37 32.47 8.21 -9.68
C ASN B 37 31.78 9.38 -10.36
N ASN B 38 32.01 10.56 -9.85
CA ASN B 38 31.58 11.78 -10.53
C ASN B 38 30.05 11.90 -10.68
N VAL B 39 29.31 11.47 -9.67
CA VAL B 39 27.85 11.57 -9.71
C VAL B 39 27.53 12.50 -8.53
N GLU B 40 26.81 13.58 -8.79
CA GLU B 40 26.46 14.54 -7.73
C GLU B 40 25.25 13.91 -6.99
N VAL B 41 25.31 13.89 -5.67
CA VAL B 41 24.33 13.17 -4.84
C VAL B 41 24.12 13.87 -3.48
N LYS B 42 22.88 13.86 -3.03
CA LYS B 42 22.49 14.33 -1.71
C LYS B 42 21.99 13.14 -0.87
N HIS B 43 22.50 13.02 0.35
CA HIS B 43 22.05 12.01 1.32
C HIS B 43 20.88 12.55 2.19
N LEU B 44 19.71 11.93 2.11
CA LEU B 44 18.60 12.41 2.91
C LEU B 44 18.13 11.26 3.78
N TYR B 45 17.24 11.52 4.72
CA TYR B 45 16.79 10.43 5.60
C TYR B 45 15.44 10.81 6.26
N PHE B 46 14.68 9.78 6.62
CA PHE B 46 13.40 9.99 7.32
C PHE B 46 13.34 9.10 8.58
N PRO B 47 12.79 9.63 9.71
CA PRO B 47 12.32 10.99 9.85
C PRO B 47 13.47 12.03 9.87
N ASN B 48 13.21 13.21 9.32
CA ASN B 48 14.11 14.31 9.53
C ASN B 48 13.68 15.02 10.83
N ARG B 49 14.46 14.82 11.89
CA ARG B 49 14.04 15.20 13.23
C ARG B 49 14.28 16.69 13.53
N GLU B 50 14.85 17.42 12.56
CA GLU B 50 15.22 18.86 12.75
C GLU B 50 14.07 19.81 12.47
N THR B 51 13.02 19.39 11.72
CA THR B 51 11.92 20.31 11.46
C THR B 51 11.00 20.37 12.70
N GLY B 52 10.01 21.26 12.68
CA GLY B 52 9.05 21.35 13.79
C GLY B 52 8.33 20.02 13.95
N ILE B 53 7.86 19.50 12.84
CA ILE B 53 7.21 18.21 12.83
C ILE B 53 8.20 17.13 13.28
N GLY B 54 9.42 17.20 12.74
CA GLY B 54 10.36 16.13 13.07
C GLY B 54 10.76 16.18 14.55
N GLN B 55 10.69 17.36 15.19
CA GLN B 55 11.07 17.37 16.64
C GLN B 55 10.07 16.65 17.47
N ILE B 56 8.82 16.72 17.03
CA ILE B 56 7.70 15.99 17.70
C ILE B 56 7.88 14.47 17.52
N ILE B 57 8.19 14.08 16.29
CA ILE B 57 8.47 12.68 15.99
C ILE B 57 9.64 12.20 16.83
N SER B 58 10.69 13.02 16.93
CA SER B 58 11.84 12.59 17.77
C SER B 58 11.44 12.31 19.23
N LYS B 59 10.64 13.22 19.82
CA LYS B 59 10.17 13.01 21.20
C LYS B 59 9.32 11.75 21.35
N TYR B 60 8.53 11.45 20.33
CA TYR B 60 7.75 10.23 20.33
C TYR B 60 8.66 8.95 20.38
N LEU B 61 9.67 8.96 19.51
CA LEU B 61 10.52 7.77 19.33
C LEU B 61 11.40 7.60 20.61
N LYS B 62 11.72 8.71 21.26
CA LYS B 62 12.51 8.68 22.53
C LYS B 62 11.65 8.48 23.76
N MET B 63 10.33 8.29 23.55
CA MET B 63 9.31 8.18 24.64
C MET B 63 9.34 9.34 25.64
N GLU B 64 9.73 10.50 25.14
CA GLU B 64 9.65 11.75 25.92
C GLU B 64 8.24 12.40 25.86
N ASN B 65 7.44 12.02 24.87
CA ASN B 65 6.01 12.33 24.85
C ASN B 65 5.29 11.00 24.60
N SER B 66 3.96 10.99 24.63
CA SER B 66 3.16 9.88 24.05
C SER B 66 2.14 10.48 23.08
N MET B 67 1.76 9.71 22.07
CA MET B 67 0.82 10.18 21.07
C MET B 67 -0.06 9.03 20.66
N SER B 68 -1.25 9.36 20.15
CA SER B 68 -2.09 8.32 19.58
C SER B 68 -1.47 7.79 18.27
N ASN B 69 -1.84 6.57 17.92
CA ASN B 69 -1.32 5.85 16.74
C ASN B 69 -1.56 6.64 15.45
N GLU B 70 -2.80 7.10 15.22
CA GLU B 70 -3.10 7.85 14.01
C GLU B 70 -2.33 9.18 13.94
N THR B 71 -2.23 9.87 15.09
CA THR B 71 -1.53 11.14 15.11
C THR B 71 -0.06 10.99 14.66
N ILE B 72 0.67 10.08 15.28
CA ILE B 72 2.10 9.96 14.93
C ILE B 72 2.26 9.48 13.46
N HIS B 73 1.36 8.61 13.02
CA HIS B 73 1.46 8.09 11.65
C HIS B 73 1.36 9.25 10.64
N LEU B 74 0.39 10.14 10.87
CA LEU B 74 0.20 11.28 9.95
C LEU B 74 1.39 12.25 9.97
N LEU B 75 2.01 12.44 11.14
CA LEU B 75 3.19 13.31 11.25
C LEU B 75 4.33 12.72 10.45
N PHE B 76 4.53 11.39 10.59
CA PHE B 76 5.58 10.75 9.75
C PHE B 76 5.39 11.06 8.25
N SER B 77 4.15 10.96 7.77
CA SER B 77 3.87 11.26 6.34
C SER B 77 4.08 12.76 6.02
N ALA B 78 3.57 13.65 6.86
CA ALA B 78 3.77 15.13 6.70
C ALA B 78 5.27 15.50 6.64
N ASN B 79 6.08 14.80 7.42
CA ASN B 79 7.52 15.02 7.46
C ASN B 79 8.19 14.71 6.08
N ARG B 80 7.69 13.70 5.38
CA ARG B 80 8.07 13.47 3.98
C ARG B 80 7.51 14.53 3.07
N TRP B 81 6.22 14.84 3.18
CA TRP B 81 5.68 15.89 2.30
C TRP B 81 6.49 17.22 2.37
N GLU B 82 6.96 17.61 3.55
CA GLU B 82 7.69 18.91 3.67
C GLU B 82 9.06 18.84 3.01
N HIS B 83 9.45 17.63 2.55
CA HIS B 83 10.71 17.44 1.73
C HIS B 83 10.51 17.26 0.25
N MET B 84 9.23 17.26 -0.23
CA MET B 84 9.01 16.99 -1.64
C MET B 84 9.50 18.13 -2.55
N ASN B 85 9.36 19.38 -2.10
CA ASN B 85 9.92 20.50 -2.92
C ASN B 85 11.44 20.32 -3.14
N GLU B 86 12.15 20.04 -2.07
CA GLU B 86 13.60 19.86 -2.12
C GLU B 86 13.96 18.66 -2.99
N ILE B 87 13.32 17.49 -2.76
CA ILE B 87 13.63 16.29 -3.48
C ILE B 87 13.36 16.45 -4.98
N LYS B 88 12.19 17.00 -5.31
CA LYS B 88 11.89 17.31 -6.72
C LYS B 88 12.94 18.22 -7.34
N SER B 89 13.30 19.31 -6.66
CA SER B 89 14.35 20.20 -7.20
C SER B 89 15.67 19.55 -7.45
N LEU B 90 16.14 18.78 -6.49
CA LEU B 90 17.40 18.10 -6.67
C LEU B 90 17.33 17.20 -7.91
N LEU B 91 16.27 16.38 -8.01
CA LEU B 91 16.13 15.43 -9.10
C LEU B 91 15.97 16.10 -10.47
N LEU B 92 15.18 17.18 -10.51
CA LEU B 92 15.09 18.06 -11.69
C LEU B 92 16.49 18.52 -12.18
N LYS B 93 17.38 18.90 -11.25
CA LYS B 93 18.73 19.39 -11.59
C LYS B 93 19.70 18.31 -12.06
N GLY B 94 19.36 17.04 -11.81
CA GLY B 94 20.29 15.92 -12.13
C GLY B 94 21.05 15.37 -10.92
N ILE B 95 20.74 15.90 -9.74
CA ILE B 95 21.39 15.45 -8.52
C ILE B 95 20.71 14.20 -8.05
N TRP B 96 21.45 13.11 -7.80
CA TRP B 96 20.80 11.93 -7.23
C TRP B 96 20.40 12.17 -5.75
N VAL B 97 19.41 11.42 -5.28
CA VAL B 97 19.03 11.42 -3.86
C VAL B 97 19.17 9.99 -3.37
N VAL B 98 19.96 9.80 -2.33
CA VAL B 98 20.02 8.49 -1.66
C VAL B 98 19.33 8.76 -0.35
N CYS B 99 18.31 7.94 -0.03
CA CYS B 99 17.46 8.30 1.08
C CYS B 99 17.25 7.11 2.04
N ASP B 100 17.59 7.32 3.32
CA ASP B 100 17.47 6.31 4.39
C ASP B 100 16.04 6.36 4.99
N ARG B 101 15.20 5.36 4.61
CA ARG B 101 13.77 5.23 4.93
C ARG B 101 12.87 6.17 4.13
N TYR B 102 11.63 5.70 3.91
CA TYR B 102 10.65 6.47 3.15
C TYR B 102 9.25 5.99 3.54
N ALA B 103 8.32 6.10 2.64
CA ALA B 103 6.93 5.72 2.90
C ALA B 103 6.71 4.26 3.32
N TYR B 104 7.59 3.37 2.84
CA TYR B 104 7.48 1.92 3.15
C TYR B 104 7.67 1.73 4.65
N SER B 105 8.63 2.44 5.25
CA SER B 105 8.80 2.40 6.72
C SER B 105 7.47 2.88 7.37
N GLY B 106 6.94 4.00 6.87
CA GLY B 106 5.63 4.56 7.40
C GLY B 106 4.55 3.46 7.50
N VAL B 107 4.42 2.71 6.43
CA VAL B 107 3.36 1.69 6.39
C VAL B 107 3.74 0.43 7.21
N ALA B 108 4.97 -0.06 7.04
CA ALA B 108 5.31 -1.32 7.73
C ALA B 108 5.37 -1.11 9.23
N TYR B 109 5.87 0.03 9.68
CA TYR B 109 5.94 0.29 11.12
C TYR B 109 4.53 0.51 11.74
N SER B 110 3.68 1.34 11.12
CA SER B 110 2.41 1.65 11.75
C SER B 110 1.49 0.45 11.67
N SER B 111 1.53 -0.27 10.55
CA SER B 111 0.69 -1.46 10.45
C SER B 111 1.21 -2.62 11.33
N GLY B 112 2.53 -2.76 11.48
CA GLY B 112 3.11 -3.87 12.25
C GLY B 112 3.05 -3.59 13.73
N ALA B 113 3.58 -2.45 14.13
CA ALA B 113 3.70 -2.15 15.52
C ALA B 113 2.40 -1.60 16.12
N LEU B 114 1.63 -0.83 15.35
CA LEU B 114 0.52 -0.06 15.92
C LEU B 114 -0.79 -0.67 15.44
N ASN B 115 -0.71 -1.70 14.64
CA ASN B 115 -1.91 -2.41 14.12
CA ASN B 115 -1.87 -2.38 14.13
C ASN B 115 -2.87 -1.55 13.34
N LEU B 116 -2.41 -0.53 12.66
CA LEU B 116 -3.31 0.30 11.85
C LEU B 116 -3.51 -0.41 10.50
N ASN B 117 -4.70 -0.20 9.90
CA ASN B 117 -5.10 -0.75 8.62
C ASN B 117 -4.05 -0.33 7.57
N LYS B 118 -3.56 -1.27 6.75
CA LYS B 118 -2.53 -0.93 5.73
C LYS B 118 -2.95 0.12 4.72
N THR B 119 -4.16 0.04 4.20
CA THR B 119 -4.62 1.02 3.21
C THR B 119 -4.70 2.40 3.82
N TRP B 120 -5.36 2.49 4.98
CA TRP B 120 -5.40 3.78 5.73
C TRP B 120 -3.95 4.37 5.84
N CYS B 121 -2.99 3.53 6.23
CA CYS B 121 -1.59 3.94 6.37
C CYS B 121 -0.98 4.41 5.06
N MET B 122 -1.33 3.73 3.95
CA MET B 122 -0.76 4.10 2.65
C MET B 122 -1.28 5.46 2.17
N ASN B 123 -2.56 5.74 2.43
CA ASN B 123 -3.24 6.89 1.80
C ASN B 123 -2.48 8.26 1.92
N PRO B 124 -2.01 8.65 3.14
CA PRO B 124 -1.43 10.03 3.25
C PRO B 124 -0.15 10.19 2.36
N ASP B 125 0.54 9.07 2.11
CA ASP B 125 1.73 9.07 1.28
C ASP B 125 1.48 8.87 -0.23
N GLN B 126 0.20 8.58 -0.63
CA GLN B 126 -0.12 8.61 -2.05
C GLN B 126 0.24 9.97 -2.63
N GLY B 127 1.04 9.98 -3.70
CA GLY B 127 1.35 11.31 -4.27
C GLY B 127 2.82 11.71 -4.09
N LEU B 128 3.49 11.02 -3.18
CA LEU B 128 4.90 11.31 -2.97
C LEU B 128 5.66 10.89 -4.21
N ILE B 129 6.84 11.46 -4.43
CA ILE B 129 7.66 11.01 -5.56
C ILE B 129 8.10 9.55 -5.32
N LYS B 130 7.96 8.74 -6.39
CA LYS B 130 8.35 7.36 -6.37
C LYS B 130 9.85 7.16 -6.64
N PRO B 131 10.55 6.38 -5.80
CA PRO B 131 11.96 6.13 -6.11
C PRO B 131 12.18 5.15 -7.27
N ASP B 132 13.35 5.20 -7.85
CA ASP B 132 13.72 4.26 -8.95
C ASP B 132 14.06 2.89 -8.40
N VAL B 133 14.56 2.82 -7.17
CA VAL B 133 14.85 1.53 -6.54
C VAL B 133 14.75 1.68 -5.03
N VAL B 134 14.30 0.61 -4.39
CA VAL B 134 14.42 0.43 -2.93
C VAL B 134 15.30 -0.81 -2.67
N PHE B 135 16.39 -0.62 -1.91
CA PHE B 135 17.13 -1.73 -1.40
C PHE B 135 16.58 -2.01 -0.02
N TYR B 136 15.97 -3.17 0.11
CA TYR B 136 15.54 -3.64 1.42
C TYR B 136 16.62 -4.45 2.07
N LEU B 137 17.26 -3.91 3.12
CA LEU B 137 18.32 -4.61 3.79
C LEU B 137 17.63 -5.61 4.72
N ASN B 138 17.54 -6.85 4.28
CA ASN B 138 16.82 -7.90 4.99
C ASN B 138 17.68 -8.49 6.12
N VAL B 139 17.28 -8.25 7.36
CA VAL B 139 17.93 -9.00 8.47
C VAL B 139 16.77 -9.58 9.29
N PRO B 140 16.92 -10.82 9.81
CA PRO B 140 15.82 -11.40 10.56
C PRO B 140 15.52 -10.52 11.81
N PRO B 141 14.28 -10.55 12.31
CA PRO B 141 13.94 -9.71 13.46
C PRO B 141 14.69 -9.94 14.77
N ASN B 142 15.42 -11.06 14.94
CA ASN B 142 16.21 -11.33 16.16
C ASN B 142 17.71 -11.09 15.95
N TYR B 143 18.10 -10.91 14.70
CA TYR B 143 19.50 -10.79 14.37
C TYR B 143 20.00 -9.38 14.73
N ALA B 144 19.13 -8.39 14.55
CA ALA B 144 19.54 -6.98 14.65
C ALA B 144 19.68 -6.51 16.09
N GLN B 145 19.18 -7.31 17.03
CA GLN B 145 19.11 -6.89 18.43
C GLN B 145 20.44 -6.51 19.10
N ASN B 146 21.44 -7.24 18.74
CA ASN B 146 22.73 -7.12 19.31
C ASN B 146 23.48 -5.74 19.13
N ARG B 147 23.34 -5.14 17.96
CA ARG B 147 24.07 -3.94 17.55
C ARG B 147 23.81 -2.61 18.24
N SER B 148 24.89 -1.87 18.45
CA SER B 148 24.87 -0.52 19.00
C SER B 148 24.15 -0.41 20.34
N ASP B 149 23.30 0.62 20.43
CA ASP B 149 22.53 0.87 21.64
C ASP B 149 21.18 0.20 21.57
N TYR B 150 20.86 -0.43 20.44
CA TYR B 150 19.53 -1.10 20.30
C TYR B 150 18.76 -1.26 21.62
N GLY B 151 17.46 -0.92 21.61
CA GLY B 151 16.63 -0.86 22.82
C GLY B 151 16.31 0.59 23.15
N GLU B 152 17.13 1.49 22.62
CA GLU B 152 17.03 2.95 22.77
C GLU B 152 15.66 3.66 22.46
N GLU B 153 15.09 3.36 21.27
CA GLU B 153 13.80 3.96 20.83
C GLU B 153 12.60 3.01 20.77
N ILE B 154 11.44 3.60 20.66
CA ILE B 154 10.19 2.93 21.00
C ILE B 154 9.96 1.56 20.34
N TYR B 155 10.33 1.36 19.07
CA TYR B 155 9.97 0.15 18.34
C TYR B 155 11.03 -0.95 18.45
N GLU B 156 12.13 -0.65 19.14
CA GLU B 156 13.29 -1.56 19.19
C GLU B 156 13.13 -2.63 20.30
N LYS B 157 12.10 -3.46 20.16
CA LYS B 157 11.91 -4.64 20.98
C LYS B 157 11.75 -5.74 19.98
N VAL B 158 12.34 -6.89 20.21
CA VAL B 158 12.16 -8.01 19.25
C VAL B 158 10.74 -8.41 18.87
N GLU B 159 9.81 -8.50 19.82
CA GLU B 159 8.46 -8.85 19.42
CA GLU B 159 8.42 -8.78 19.48
C GLU B 159 7.86 -7.76 18.50
N THR B 160 8.26 -6.50 18.67
CA THR B 160 7.72 -5.47 17.78
C THR B 160 8.36 -5.63 16.39
N GLN B 161 9.67 -5.79 16.35
CA GLN B 161 10.41 -5.98 15.06
C GLN B 161 9.92 -7.21 14.26
N LYS B 162 9.48 -8.27 14.96
CA LYS B 162 8.83 -9.42 14.29
C LYS B 162 7.62 -9.06 13.51
N LYS B 163 6.71 -8.28 14.10
CA LYS B 163 5.49 -7.89 13.37
C LYS B 163 5.85 -6.99 12.19
N ILE B 164 6.83 -6.10 12.37
CA ILE B 164 7.22 -5.18 11.28
C ILE B 164 7.90 -5.93 10.11
N TYR B 165 8.76 -6.88 10.48
CA TYR B 165 9.39 -7.78 9.50
C TYR B 165 8.33 -8.42 8.57
N GLU B 166 7.23 -8.90 9.15
CA GLU B 166 6.10 -9.43 8.35
C GLU B 166 5.37 -8.42 7.47
N THR B 167 5.04 -7.25 8.02
CA THR B 167 4.36 -6.26 7.23
C THR B 167 5.23 -5.66 6.09
N TYR B 168 6.56 -5.63 6.23
CA TYR B 168 7.41 -5.16 5.11
C TYR B 168 7.26 -6.00 3.82
N LYS B 169 6.85 -7.28 3.99
CA LYS B 169 6.51 -8.14 2.86
C LYS B 169 5.38 -7.61 2.00
N HIS B 170 4.60 -6.66 2.51
CA HIS B 170 3.55 -5.99 1.73
C HIS B 170 4.11 -5.34 0.44
N PHE B 171 5.40 -5.08 0.37
CA PHE B 171 5.95 -4.32 -0.80
C PHE B 171 6.86 -5.20 -1.68
N ALA B 172 7.01 -6.45 -1.27
CA ALA B 172 7.95 -7.37 -1.98
C ALA B 172 7.62 -7.56 -3.47
N HIS B 173 6.36 -7.40 -3.87
CA HIS B 173 5.98 -7.50 -5.28
C HIS B 173 6.27 -6.26 -6.19
N GLU B 174 6.65 -5.12 -5.60
CA GLU B 174 6.95 -3.92 -6.40
C GLU B 174 8.10 -4.19 -7.40
N ASP B 175 7.99 -3.68 -8.65
CA ASP B 175 9.00 -3.81 -9.75
CA ASP B 175 9.01 -3.99 -9.66
C ASP B 175 10.35 -3.34 -9.31
N TYR B 176 10.36 -2.39 -8.37
CA TYR B 176 11.59 -1.71 -7.94
C TYR B 176 12.14 -2.09 -6.57
N TRP B 177 11.54 -3.10 -5.96
CA TRP B 177 11.94 -3.53 -4.65
C TRP B 177 13.02 -4.59 -4.80
N ILE B 178 14.19 -4.32 -4.23
CA ILE B 178 15.28 -5.30 -4.30
C ILE B 178 15.63 -5.81 -2.92
N ASN B 179 15.34 -7.08 -2.68
CA ASN B 179 15.73 -7.72 -1.42
C ASN B 179 17.25 -7.92 -1.34
N ILE B 180 17.89 -7.39 -0.31
CA ILE B 180 19.31 -7.65 -0.10
C ILE B 180 19.50 -8.45 1.17
N ASP B 181 20.24 -9.56 1.08
CA ASP B 181 20.64 -10.28 2.31
C ASP B 181 21.65 -9.47 3.11
N ALA B 182 21.19 -8.86 4.21
CA ALA B 182 22.00 -7.90 4.92
C ALA B 182 22.61 -8.51 6.18
N THR B 183 22.57 -9.84 6.26
CA THR B 183 23.30 -10.51 7.34
C THR B 183 24.78 -10.75 6.94
N ARG B 184 25.17 -10.42 5.71
CA ARG B 184 26.59 -10.57 5.35
C ARG B 184 27.52 -9.40 5.81
N LYS B 185 28.80 -9.42 5.38
CA LYS B 185 29.76 -8.39 5.77
C LYS B 185 29.41 -7.10 5.01
N ILE B 186 29.62 -5.98 5.70
CA ILE B 186 29.45 -4.64 5.17
C ILE B 186 29.90 -4.56 3.69
N GLU B 187 31.15 -4.95 3.39
CA GLU B 187 31.72 -4.86 2.03
C GLU B 187 30.98 -5.71 0.99
N ASP B 188 30.54 -6.90 1.37
CA ASP B 188 29.80 -7.76 0.44
C ASP B 188 28.41 -7.19 0.05
N ILE B 189 27.67 -6.73 1.05
CA ILE B 189 26.37 -6.04 0.80
C ILE B 189 26.61 -4.82 -0.12
N HIS B 190 27.63 -4.01 0.19
CA HIS B 190 27.95 -2.82 -0.60
C HIS B 190 28.25 -3.13 -2.05
N ASN B 191 29.06 -4.16 -2.31
CA ASN B 191 29.32 -4.54 -3.72
C ASN B 191 28.06 -4.94 -4.42
N ASP B 192 27.16 -5.67 -3.74
CA ASP B 192 25.87 -6.08 -4.40
C ASP B 192 25.06 -4.85 -4.77
N ILE B 193 25.09 -3.88 -3.85
CA ILE B 193 24.34 -2.67 -4.05
C ILE B 193 24.92 -1.92 -5.24
N VAL B 194 26.24 -1.71 -5.24
CA VAL B 194 26.93 -1.07 -6.35
C VAL B 194 26.65 -1.79 -7.65
N LYS B 195 26.65 -3.12 -7.61
CA LYS B 195 26.35 -3.92 -8.81
C LYS B 195 24.96 -3.62 -9.36
N GLU B 196 23.94 -3.47 -8.50
CA GLU B 196 22.61 -3.08 -8.96
CA GLU B 196 22.60 -3.08 -8.94
C GLU B 196 22.55 -1.63 -9.43
N VAL B 197 23.22 -0.73 -8.69
CA VAL B 197 23.17 0.69 -9.08
C VAL B 197 23.79 0.93 -10.48
N THR B 198 24.79 0.10 -10.82
CA THR B 198 25.49 0.09 -12.13
C THR B 198 24.59 -0.29 -13.30
N LYS B 199 23.63 -1.18 -13.08
CA LYS B 199 22.67 -1.57 -14.13
C LYS B 199 21.64 -0.48 -14.47
N ILE B 200 21.59 0.57 -13.66
CA ILE B 200 20.58 1.66 -13.82
C ILE B 200 20.92 2.55 -15.04
N LYS B 201 20.03 2.58 -16.04
CA LYS B 201 20.19 3.47 -17.17
C LYS B 201 19.95 4.85 -16.59
N VAL B 202 20.65 5.87 -17.07
CA VAL B 202 20.44 7.19 -16.47
C VAL B 202 19.92 8.26 -17.42
N GLU B 203 18.66 8.22 -17.81
CA GLU B 203 18.20 9.23 -18.79
C GLU B 203 17.16 10.12 -18.20
N PRO B 204 17.00 11.32 -18.75
CA PRO B 204 15.86 12.12 -18.27
C PRO B 204 14.55 11.32 -18.49
N GLU B 205 13.61 11.40 -17.57
CA GLU B 205 12.33 10.66 -17.71
C GLU B 205 11.30 11.40 -16.92
N GLU B 206 10.04 10.99 -17.05
CA GLU B 206 8.99 11.66 -16.31
C GLU B 206 9.04 11.28 -14.81
N PHE B 207 8.60 12.17 -13.92
CA PHE B 207 8.48 11.81 -12.50
C PHE B 207 7.34 10.79 -12.35
N ASN B 208 7.47 9.83 -11.45
CA ASN B 208 6.36 8.94 -11.09
C ASN B 208 6.07 9.06 -9.59
N PHE B 209 4.86 8.70 -9.20
CA PHE B 209 4.39 8.99 -7.83
C PHE B 209 3.82 7.74 -7.18
N LEU B 210 3.91 7.66 -5.85
CA LEU B 210 3.28 6.53 -5.12
C LEU B 210 1.76 6.63 -5.28
N TRP B 211 1.03 5.50 -5.26
CA TRP B 211 1.56 4.16 -5.18
C TRP B 211 1.68 3.39 -6.53
N SER B 212 1.49 4.06 -7.65
CA SER B 212 1.76 3.53 -9.05
C SER B 212 3.03 2.69 -9.30
N SER C 1 -20.70 -4.26 27.39
CA SER C 1 -21.93 -3.88 28.08
C SER C 1 -21.73 -3.87 29.60
N HIS C 2 -22.68 -3.28 30.30
CA HIS C 2 -22.61 -3.20 31.76
C HIS C 2 -21.36 -2.47 32.21
N MET C 3 -20.64 -3.07 33.15
CA MET C 3 -19.41 -2.48 33.68
C MET C 3 -18.49 -2.04 32.55
N THR C 4 -18.42 -2.84 31.50
CA THR C 4 -17.57 -2.54 30.34
C THR C 4 -18.32 -1.83 29.23
N ASP C 5 -19.50 -1.30 29.54
CA ASP C 5 -20.31 -0.57 28.56
C ASP C 5 -19.41 0.42 27.81
N ASP C 6 -19.45 0.38 26.49
CA ASP C 6 -18.65 1.29 25.65
C ASP C 6 -19.57 2.07 24.66
N LYS C 7 -20.78 2.31 25.09
CA LYS C 7 -21.69 3.08 24.32
C LYS C 7 -21.47 4.59 24.41
N LYS C 8 -21.75 5.24 23.29
CA LYS C 8 -21.81 6.69 23.24
C LYS C 8 -23.09 7.19 23.92
N LYS C 9 -22.93 8.05 24.92
CA LYS C 9 -24.07 8.49 25.74
C LYS C 9 -24.34 10.02 25.56
N GLY C 10 -23.33 10.78 25.18
CA GLY C 10 -23.49 12.23 24.99
C GLY C 10 -23.70 12.51 23.50
N LYS C 11 -24.11 13.72 23.12
CA LYS C 11 -24.25 14.02 21.70
C LYS C 11 -23.06 14.90 21.25
N PHE C 12 -22.77 14.92 19.93
CA PHE C 12 -21.57 15.54 19.38
C PHE C 12 -22.08 16.47 18.26
N ILE C 13 -21.99 17.78 18.50
CA ILE C 13 -22.51 18.72 17.60
C ILE C 13 -21.35 19.51 16.99
N VAL C 14 -21.31 19.61 15.66
CA VAL C 14 -20.18 20.36 15.02
C VAL C 14 -20.77 21.61 14.32
N PHE C 15 -20.07 22.74 14.43
CA PHE C 15 -20.34 23.86 13.56
C PHE C 15 -19.39 23.97 12.42
N GLU C 16 -19.94 24.17 11.20
CA GLU C 16 -19.06 24.46 10.04
C GLU C 16 -19.41 25.80 9.38
N GLY C 17 -18.54 26.29 8.49
CA GLY C 17 -18.89 27.52 7.73
C GLY C 17 -17.63 28.25 7.28
N LEU C 18 -17.83 29.33 6.51
CA LEU C 18 -16.72 30.15 6.05
C LEU C 18 -16.09 30.96 7.18
N ASP C 19 -14.96 31.58 6.89
CA ASP C 19 -14.35 32.47 7.89
C ASP C 19 -15.24 33.61 8.32
N ARG C 20 -15.32 33.82 9.63
CA ARG C 20 -16.11 34.88 10.26
C ARG C 20 -17.63 34.67 10.10
N SER C 21 -18.06 33.45 9.81
CA SER C 21 -19.47 33.18 9.61
C SER C 21 -20.29 33.13 10.93
N GLY C 22 -19.65 33.27 12.09
CA GLY C 22 -20.32 33.29 13.41
C GLY C 22 -20.22 31.98 14.23
N LYS C 23 -19.26 31.10 13.89
CA LYS C 23 -19.08 29.81 14.59
C LYS C 23 -18.75 29.96 16.08
N SER C 24 -17.82 30.83 16.45
CA SER C 24 -17.49 30.97 17.88
C SER C 24 -18.69 31.52 18.60
N THR C 25 -19.35 32.48 17.94
CA THR C 25 -20.54 33.12 18.52
C THR C 25 -21.62 32.10 18.83
N GLN C 26 -21.99 31.31 17.82
CA GLN C 26 -23.12 30.40 17.91
C GLN C 26 -22.80 29.15 18.76
N SER C 27 -21.53 28.70 18.71
CA SER C 27 -21.12 27.54 19.53
C SER C 27 -21.15 27.97 21.03
N LYS C 28 -20.68 29.17 21.35
CA LYS C 28 -20.76 29.69 22.74
C LYS C 28 -22.19 29.84 23.27
N LEU C 29 -23.12 30.26 22.42
CA LEU C 29 -24.53 30.38 22.80
C LEU C 29 -25.18 29.02 22.97
N LEU C 30 -24.85 28.05 22.10
CA LEU C 30 -25.40 26.75 22.29
C LEU C 30 -24.89 26.11 23.60
N VAL C 31 -23.61 26.21 23.86
CA VAL C 31 -23.06 25.69 25.09
C VAL C 31 -23.76 26.27 26.34
N GLU C 32 -23.95 27.56 26.38
CA GLU C 32 -24.62 28.24 27.47
C GLU C 32 -26.06 27.72 27.59
N TYR C 33 -26.76 27.61 26.47
CA TYR C 33 -28.11 27.05 26.44
C TYR C 33 -28.16 25.61 27.00
N LEU C 34 -27.21 24.77 26.60
CA LEU C 34 -27.18 23.41 27.14
C LEU C 34 -26.96 23.38 28.67
N LYS C 35 -26.04 24.19 29.17
CA LYS C 35 -25.72 24.23 30.59
C LYS C 35 -26.94 24.75 31.38
N ASN C 36 -27.67 25.69 30.77
CA ASN C 36 -28.92 26.21 31.37
C ASN C 36 -30.05 25.22 31.36
N ASN C 37 -29.97 24.18 30.53
CA ASN C 37 -30.97 23.12 30.50
C ASN C 37 -30.50 21.80 31.08
N ASN C 38 -29.60 21.93 32.03
CA ASN C 38 -29.05 20.84 32.75
C ASN C 38 -28.32 19.75 31.92
N VAL C 39 -27.65 20.11 30.81
CA VAL C 39 -26.88 19.13 30.06
C VAL C 39 -25.41 19.47 30.25
N GLU C 40 -24.61 18.50 30.66
CA GLU C 40 -23.16 18.69 30.71
C GLU C 40 -22.57 18.78 29.30
N VAL C 41 -21.66 19.75 29.04
CA VAL C 41 -21.12 19.91 27.69
C VAL C 41 -19.70 20.52 27.72
N LYS C 42 -18.84 20.10 26.80
CA LYS C 42 -17.49 20.68 26.67
C LYS C 42 -17.46 21.38 25.32
N HIS C 43 -16.91 22.60 25.27
CA HIS C 43 -16.79 23.35 23.98
C HIS C 43 -15.38 23.04 23.44
N LEU C 44 -15.28 22.49 22.24
CA LEU C 44 -13.97 22.24 21.66
C LEU C 44 -13.95 22.94 20.30
N TYR C 45 -12.78 22.98 19.65
CA TYR C 45 -12.69 23.67 18.34
C TYR C 45 -11.39 23.23 17.63
N PHE C 46 -11.41 23.35 16.30
CA PHE C 46 -10.28 23.00 15.49
C PHE C 46 -9.99 24.16 14.53
N PRO C 47 -8.70 24.44 14.28
CA PRO C 47 -7.62 23.78 14.90
C PRO C 47 -7.42 24.21 16.38
N ASN C 48 -6.99 23.26 17.22
CA ASN C 48 -6.48 23.57 18.55
C ASN C 48 -5.05 23.98 18.39
N ARG C 49 -4.82 25.30 18.50
CA ARG C 49 -3.51 25.90 18.25
C ARG C 49 -2.54 25.80 19.45
N GLU C 50 -2.99 25.22 20.57
CA GLU C 50 -2.16 25.09 21.78
C GLU C 50 -1.26 23.87 21.74
N THR C 51 -1.57 22.83 20.96
CA THR C 51 -0.66 21.67 20.99
C THR C 51 0.62 21.93 20.16
N GLY C 52 1.62 21.05 20.24
CA GLY C 52 2.80 21.14 19.30
C GLY C 52 2.40 21.26 17.83
N ILE C 53 1.49 20.38 17.41
CA ILE C 53 0.99 20.37 16.05
C ILE C 53 0.20 21.66 15.79
N GLY C 54 -0.68 22.04 16.74
CA GLY C 54 -1.49 23.26 16.55
C GLY C 54 -0.70 24.57 16.46
N GLN C 55 0.44 24.66 17.15
CA GLN C 55 1.29 25.87 17.07
C GLN C 55 1.87 26.02 15.68
N ILE C 56 2.20 24.88 15.05
CA ILE C 56 2.70 24.94 13.68
C ILE C 56 1.57 25.39 12.75
N ILE C 57 0.37 24.83 12.95
CA ILE C 57 -0.79 25.26 12.14
C ILE C 57 -1.04 26.77 12.30
N SER C 58 -0.91 27.25 13.55
CA SER C 58 -1.19 28.65 13.85
C SER C 58 -0.23 29.56 13.06
N LYS C 59 1.03 29.14 12.95
CA LYS C 59 1.99 29.98 12.23
C LYS C 59 1.69 29.97 10.78
N TYR C 60 1.26 28.85 10.27
CA TYR C 60 0.85 28.80 8.85
C TYR C 60 -0.32 29.78 8.53
N LEU C 61 -1.36 29.73 9.37
CA LEU C 61 -2.57 30.57 9.21
C LEU C 61 -2.26 32.06 9.36
N LYS C 62 -1.29 32.36 10.19
CA LYS C 62 -0.76 33.75 10.32
C LYS C 62 0.32 34.16 9.31
N MET C 63 0.75 33.26 8.42
CA MET C 63 1.85 33.53 7.46
C MET C 63 3.15 33.92 8.17
N GLU C 64 3.37 33.27 9.31
CA GLU C 64 4.65 33.36 10.00
C GLU C 64 5.65 32.26 9.56
N ASN C 65 5.16 31.27 8.84
CA ASN C 65 6.00 30.26 8.19
C ASN C 65 5.31 30.09 6.81
N SER C 66 5.88 29.29 5.90
CA SER C 66 5.17 28.83 4.73
C SER C 66 5.34 27.32 4.75
N MET C 67 4.34 26.62 4.24
CA MET C 67 4.39 25.16 4.22
C MET C 67 3.75 24.66 2.95
N SER C 68 4.03 23.41 2.56
CA SER C 68 3.45 22.89 1.32
C SER C 68 1.99 22.46 1.62
N ASN C 69 1.20 22.39 0.57
CA ASN C 69 -0.25 22.10 0.71
C ASN C 69 -0.48 20.75 1.45
N GLU C 70 0.23 19.67 1.04
CA GLU C 70 -0.02 18.34 1.60
C GLU C 70 0.43 18.34 3.06
N THR C 71 1.53 19.03 3.36
CA THR C 71 2.09 18.98 4.75
C THR C 71 1.04 19.58 5.72
N ILE C 72 0.55 20.76 5.37
CA ILE C 72 -0.40 21.41 6.27
C ILE C 72 -1.71 20.66 6.31
N HIS C 73 -2.15 20.12 5.18
CA HIS C 73 -3.40 19.36 5.23
C HIS C 73 -3.31 18.18 6.25
N LEU C 74 -2.18 17.46 6.25
CA LEU C 74 -2.00 16.32 7.16
C LEU C 74 -1.92 16.76 8.61
N LEU C 75 -1.30 17.92 8.89
CA LEU C 75 -1.25 18.40 10.28
C LEU C 75 -2.66 18.73 10.80
N PHE C 76 -3.50 19.34 9.94
CA PHE C 76 -4.87 19.66 10.39
C PHE C 76 -5.61 18.37 10.80
N SER C 77 -5.42 17.29 10.03
CA SER C 77 -6.09 15.98 10.39
C SER C 77 -5.45 15.40 11.64
N ALA C 78 -4.13 15.41 11.72
CA ALA C 78 -3.43 14.91 12.92
C ALA C 78 -3.85 15.63 14.22
N ASN C 79 -4.11 16.93 14.10
CA ASN C 79 -4.61 17.75 15.22
C ASN C 79 -5.98 17.29 15.73
N ARG C 80 -6.84 16.78 14.84
CA ARG C 80 -8.12 16.14 15.27
C ARG C 80 -7.86 14.78 15.92
N TRP C 81 -7.00 13.97 15.30
CA TRP C 81 -6.64 12.69 15.90
C TRP C 81 -6.09 12.79 17.31
N GLU C 82 -5.31 13.83 17.64
CA GLU C 82 -4.77 13.91 18.99
C GLU C 82 -5.87 14.27 20.03
N HIS C 83 -7.07 14.62 19.54
CA HIS C 83 -8.23 14.79 20.44
C HIS C 83 -9.25 13.65 20.46
N MET C 84 -9.02 12.53 19.75
CA MET C 84 -10.04 11.49 19.77
C MET C 84 -10.18 10.78 21.11
N ASN C 85 -9.09 10.64 21.82
CA ASN C 85 -9.19 10.02 23.12
C ASN C 85 -10.03 10.89 24.08
N GLU C 86 -9.75 12.18 24.08
CA GLU C 86 -10.55 13.10 24.92
C GLU C 86 -12.04 13.09 24.48
N ILE C 87 -12.33 13.23 23.16
CA ILE C 87 -13.73 13.31 22.71
C ILE C 87 -14.46 12.01 23.01
N LYS C 88 -13.78 10.91 22.77
CA LYS C 88 -14.42 9.63 22.99
C LYS C 88 -14.76 9.46 24.49
N SER C 89 -13.81 9.81 25.36
CA SER C 89 -14.03 9.69 26.84
C SER C 89 -15.21 10.54 27.32
N LEU C 90 -15.28 11.76 26.77
CA LEU C 90 -16.34 12.68 27.12
C LEU C 90 -17.69 12.12 26.72
N LEU C 91 -17.78 11.68 25.47
CA LEU C 91 -19.04 11.14 24.95
C LEU C 91 -19.45 9.83 25.65
N LEU C 92 -18.45 9.02 25.99
CA LEU C 92 -18.69 7.79 26.73
C LEU C 92 -19.28 8.04 28.16
N LYS C 93 -18.85 9.12 28.80
CA LYS C 93 -19.33 9.50 30.11
C LYS C 93 -20.73 10.09 30.10
N GLY C 94 -21.17 10.57 28.94
CA GLY C 94 -22.45 11.28 28.81
C GLY C 94 -22.34 12.77 28.63
N ILE C 95 -21.11 13.29 28.50
CA ILE C 95 -20.97 14.71 28.37
C ILE C 95 -21.10 15.05 26.88
N TRP C 96 -21.88 16.05 26.52
CA TRP C 96 -21.94 16.42 25.09
C TRP C 96 -20.68 17.20 24.68
N VAL C 97 -20.45 17.25 23.37
CA VAL C 97 -19.29 17.96 22.80
C VAL C 97 -19.83 18.87 21.72
N VAL C 98 -19.63 20.17 21.90
CA VAL C 98 -20.00 21.12 20.88
C VAL C 98 -18.65 21.61 20.31
N CYS C 99 -18.47 21.56 18.99
CA CYS C 99 -17.14 21.69 18.44
C CYS C 99 -17.18 22.68 17.26
N ASP C 100 -16.35 23.69 17.27
CA ASP C 100 -16.22 24.67 16.20
C ASP C 100 -15.15 24.15 15.15
N ARG C 101 -15.64 23.78 13.96
CA ARG C 101 -14.92 23.13 12.89
C ARG C 101 -14.52 21.71 13.16
N TYR C 102 -14.47 20.92 12.09
CA TYR C 102 -14.09 19.52 12.18
C TYR C 102 -13.49 19.05 10.83
N ALA C 103 -13.66 17.76 10.48
CA ALA C 103 -13.09 17.18 9.25
C ALA C 103 -13.70 17.88 7.99
N TYR C 104 -14.92 18.38 8.09
CA TYR C 104 -15.49 19.07 6.91
C TYR C 104 -14.70 20.34 6.50
N SER C 105 -14.28 21.15 7.49
CA SER C 105 -13.31 22.27 7.28
C SER C 105 -12.05 21.75 6.55
N GLY C 106 -11.49 20.66 7.06
CA GLY C 106 -10.26 20.08 6.46
C GLY C 106 -10.42 19.79 4.98
N VAL C 107 -11.54 19.17 4.62
CA VAL C 107 -11.76 18.79 3.24
C VAL C 107 -12.18 20.01 2.36
N ALA C 108 -13.13 20.82 2.85
CA ALA C 108 -13.55 21.96 2.07
C ALA C 108 -12.40 22.97 1.84
N TYR C 109 -11.69 23.32 2.90
CA TYR C 109 -10.64 24.33 2.75
C TYR C 109 -9.49 23.79 1.85
N SER C 110 -9.03 22.57 2.12
CA SER C 110 -7.97 22.03 1.28
C SER C 110 -8.32 21.74 -0.18
N SER C 111 -9.50 21.17 -0.46
CA SER C 111 -9.83 20.91 -1.89
C SER C 111 -10.13 22.25 -2.55
N GLY C 112 -10.69 23.16 -1.77
CA GLY C 112 -11.18 24.46 -2.29
C GLY C 112 -10.02 25.45 -2.47
N ALA C 113 -9.37 25.81 -1.38
CA ALA C 113 -8.31 26.82 -1.43
C ALA C 113 -7.05 26.23 -2.03
N LEU C 114 -6.75 24.93 -1.77
CA LEU C 114 -5.42 24.43 -2.12
C LEU C 114 -5.46 23.58 -3.34
N ASN C 115 -6.66 23.35 -3.88
N ASN C 115 -6.68 23.36 -3.84
CA ASN C 115 -6.80 22.54 -5.08
CA ASN C 115 -6.95 22.55 -5.01
C ASN C 115 -6.41 21.06 -4.91
C ASN C 115 -6.45 21.09 -4.89
N LEU C 116 -6.41 20.55 -3.67
CA LEU C 116 -6.08 19.16 -3.46
C LEU C 116 -7.27 18.26 -3.80
N ASN C 117 -7.00 17.06 -4.31
CA ASN C 117 -8.02 16.03 -4.66
C ASN C 117 -8.91 15.72 -3.45
N LYS C 118 -10.21 15.73 -3.65
CA LYS C 118 -11.14 15.58 -2.54
C LYS C 118 -10.99 14.24 -1.79
N THR C 119 -10.86 13.15 -2.53
CA THR C 119 -10.68 11.86 -1.89
C THR C 119 -9.37 11.85 -1.07
N TRP C 120 -8.27 12.38 -1.66
CA TRP C 120 -6.99 12.34 -0.95
C TRP C 120 -7.17 13.15 0.35
N CYS C 121 -7.86 14.28 0.27
CA CYS C 121 -8.09 15.12 1.47
C CYS C 121 -8.94 14.40 2.54
N MET C 122 -9.95 13.68 2.09
CA MET C 122 -10.82 12.90 3.04
C MET C 122 -10.08 11.77 3.78
N ASN C 123 -9.18 11.07 3.09
CA ASN C 123 -8.57 9.84 3.64
C ASN C 123 -8.01 9.93 5.08
N PRO C 124 -7.20 10.99 5.40
CA PRO C 124 -6.56 10.90 6.74
C PRO C 124 -7.59 11.05 7.88
N ASP C 125 -8.71 11.71 7.61
CA ASP C 125 -9.84 11.83 8.56
C ASP C 125 -10.79 10.62 8.66
N GLN C 126 -10.70 9.66 7.74
CA GLN C 126 -11.49 8.45 7.80
C GLN C 126 -11.20 7.79 9.17
N GLY C 127 -12.26 7.47 9.95
CA GLY C 127 -11.99 6.82 11.21
C GLY C 127 -12.19 7.74 12.41
N LEU C 128 -12.23 9.07 12.22
CA LEU C 128 -12.58 9.97 13.32
C LEU C 128 -14.03 9.70 13.78
N ILE C 129 -14.33 9.97 15.06
CA ILE C 129 -15.72 9.87 15.49
C ILE C 129 -16.63 10.77 14.65
N LYS C 130 -17.79 10.26 14.28
CA LYS C 130 -18.71 10.97 13.46
C LYS C 130 -19.69 11.71 14.38
N PRO C 131 -19.94 13.02 14.11
CA PRO C 131 -20.88 13.77 14.96
C PRO C 131 -22.37 13.39 14.60
N ASP C 132 -23.27 13.75 15.50
CA ASP C 132 -24.72 13.51 15.37
C ASP C 132 -25.31 14.54 14.46
N VAL C 133 -24.76 15.76 14.50
CA VAL C 133 -25.29 16.85 13.66
C VAL C 133 -24.20 17.88 13.35
N VAL C 134 -24.28 18.48 12.15
CA VAL C 134 -23.44 19.58 11.75
C VAL C 134 -24.34 20.73 11.39
N PHE C 135 -24.19 21.84 12.10
CA PHE C 135 -24.80 23.10 11.73
C PHE C 135 -23.83 23.85 10.82
N TYR C 136 -24.23 23.98 9.57
CA TYR C 136 -23.51 24.82 8.60
C TYR C 136 -24.10 26.20 8.55
N LEU C 137 -23.29 27.16 8.99
CA LEU C 137 -23.69 28.53 9.10
C LEU C 137 -23.49 29.19 7.74
N ASN C 138 -24.51 29.05 6.89
CA ASN C 138 -24.40 29.46 5.48
C ASN C 138 -24.45 30.96 5.32
N VAL C 139 -23.36 31.57 4.78
CA VAL C 139 -23.38 32.97 4.30
C VAL C 139 -22.78 32.96 2.89
N PRO C 140 -23.19 33.92 2.03
CA PRO C 140 -22.52 34.04 0.72
C PRO C 140 -21.01 34.25 0.94
N PRO C 141 -20.18 33.80 -0.01
CA PRO C 141 -18.69 33.86 0.12
C PRO C 141 -18.12 35.27 0.22
N ASN C 142 -18.87 36.33 -0.13
CA ASN C 142 -18.30 37.63 0.21
C ASN C 142 -19.06 38.38 1.27
N TYR C 143 -19.98 37.67 1.91
CA TYR C 143 -20.88 38.36 2.83
C TYR C 143 -20.17 38.83 4.11
N ALA C 144 -19.18 38.05 4.58
CA ALA C 144 -18.56 38.30 5.89
C ALA C 144 -17.33 39.16 5.91
N GLN C 145 -16.90 39.67 4.74
CA GLN C 145 -15.64 40.43 4.62
C GLN C 145 -15.55 41.68 5.46
N ASN C 146 -16.70 42.17 5.95
CA ASN C 146 -16.64 43.33 6.80
C ASN C 146 -16.35 43.00 8.27
N ARG C 147 -16.45 41.72 8.68
CA ARG C 147 -16.54 41.42 10.14
C ARG C 147 -15.16 41.37 10.82
N SER C 148 -15.11 41.85 12.06
CA SER C 148 -13.90 42.06 12.87
C SER C 148 -12.58 42.10 12.09
N ASP C 149 -11.73 41.08 12.22
CA ASP C 149 -10.31 41.11 11.74
C ASP C 149 -10.16 40.39 10.41
N TYR C 150 -11.27 40.24 9.69
CA TYR C 150 -11.24 39.48 8.46
C TYR C 150 -10.07 39.96 7.59
N GLY C 151 -9.32 38.97 7.08
CA GLY C 151 -8.18 39.24 6.23
C GLY C 151 -6.82 39.05 6.93
N GLU C 152 -6.86 38.95 8.25
CA GLU C 152 -5.68 38.70 9.05
C GLU C 152 -5.02 37.32 8.78
N GLU C 153 -5.84 36.32 8.47
CA GLU C 153 -5.34 34.98 8.29
C GLU C 153 -5.48 34.50 6.87
N ILE C 154 -4.72 33.45 6.58
CA ILE C 154 -4.33 33.13 5.23
C ILE C 154 -5.45 32.92 4.25
N TYR C 155 -6.59 32.32 4.67
CA TYR C 155 -7.66 31.98 3.67
C TYR C 155 -8.70 33.07 3.52
N GLU C 156 -8.53 34.17 4.26
CA GLU C 156 -9.52 35.27 4.32
C GLU C 156 -9.35 36.31 3.20
N LYS C 157 -9.56 35.78 2.00
CA LYS C 157 -9.62 36.54 0.76
C LYS C 157 -10.89 36.11 0.07
N VAL C 158 -11.60 37.07 -0.54
CA VAL C 158 -12.90 36.75 -1.19
C VAL C 158 -12.82 35.69 -2.26
N GLU C 159 -11.80 35.75 -3.15
CA GLU C 159 -11.71 34.76 -4.19
C GLU C 159 -11.54 33.36 -3.54
N THR C 160 -10.78 33.29 -2.43
CA THR C 160 -10.58 32.00 -1.76
C THR C 160 -11.91 31.48 -1.13
N GLN C 161 -12.62 32.34 -0.43
CA GLN C 161 -13.92 31.99 0.14
C GLN C 161 -14.90 31.47 -0.87
N LYS C 162 -14.85 32.00 -2.10
CA LYS C 162 -15.74 31.53 -3.16
C LYS C 162 -15.47 30.08 -3.51
N LYS C 163 -14.19 29.69 -3.53
CA LYS C 163 -13.84 28.33 -3.90
C LYS C 163 -14.28 27.36 -2.80
N ILE C 164 -14.06 27.77 -1.56
CA ILE C 164 -14.38 26.91 -0.40
C ILE C 164 -15.92 26.81 -0.26
N TYR C 165 -16.63 27.89 -0.56
CA TYR C 165 -18.08 27.86 -0.52
C TYR C 165 -18.65 26.76 -1.42
N GLU C 166 -18.05 26.62 -2.61
CA GLU C 166 -18.39 25.57 -3.54
C GLU C 166 -18.01 24.20 -3.06
N THR C 167 -16.82 24.04 -2.47
CA THR C 167 -16.44 22.69 -2.04
C THR C 167 -17.20 22.20 -0.78
N TYR C 168 -17.69 23.12 0.04
CA TYR C 168 -18.58 22.76 1.15
C TYR C 168 -19.85 22.02 0.67
N LYS C 169 -20.31 22.31 -0.55
CA LYS C 169 -21.45 21.57 -1.13
C LYS C 169 -21.22 20.06 -1.25
N HIS C 170 -19.97 19.59 -1.24
CA HIS C 170 -19.74 18.14 -1.25
C HIS C 170 -20.47 17.44 -0.08
N PHE C 171 -20.90 18.22 0.92
CA PHE C 171 -21.53 17.70 2.14
C PHE C 171 -23.01 18.17 2.29
N ALA C 172 -23.45 19.17 1.52
CA ALA C 172 -24.71 19.92 1.76
C ALA C 172 -26.00 19.11 1.81
N HIS C 173 -25.99 17.89 1.30
CA HIS C 173 -27.26 17.23 1.28
C HIS C 173 -27.37 16.07 2.24
N GLU C 174 -26.24 15.73 2.90
CA GLU C 174 -26.20 14.61 3.86
C GLU C 174 -27.19 14.79 4.98
N ASP C 175 -27.69 13.67 5.51
CA ASP C 175 -28.72 13.72 6.53
C ASP C 175 -28.29 14.43 7.82
N TYR C 176 -26.99 14.37 8.19
CA TYR C 176 -26.49 15.00 9.44
C TYR C 176 -26.24 16.50 9.24
N TRP C 177 -26.31 16.96 7.99
CA TRP C 177 -25.96 18.37 7.67
C TRP C 177 -27.16 19.25 7.65
N ILE C 178 -27.16 20.25 8.50
CA ILE C 178 -28.28 21.16 8.59
C ILE C 178 -27.80 22.52 8.19
N ASN C 179 -28.23 22.95 7.00
CA ASN C 179 -27.99 24.29 6.56
C ASN C 179 -28.70 25.33 7.41
N ILE C 180 -28.00 26.35 7.91
CA ILE C 180 -28.61 27.39 8.69
C ILE C 180 -28.35 28.74 8.02
N ASP C 181 -29.39 29.57 7.79
CA ASP C 181 -29.15 30.86 7.12
C ASP C 181 -28.52 31.81 8.11
N ALA C 182 -27.23 32.05 7.93
CA ALA C 182 -26.51 32.75 8.93
C ALA C 182 -26.36 34.20 8.54
N THR C 183 -27.17 34.65 7.55
CA THR C 183 -27.12 36.10 7.24
C THR C 183 -28.06 36.84 8.19
N ARG C 184 -28.63 36.13 9.15
CA ARG C 184 -29.60 36.77 10.05
C ARG C 184 -29.00 37.32 11.30
N LYS C 185 -29.83 37.84 12.21
CA LYS C 185 -29.33 38.34 13.50
C LYS C 185 -28.89 37.16 14.41
N ILE C 186 -27.96 37.45 15.32
CA ILE C 186 -27.36 36.43 16.24
C ILE C 186 -28.48 35.62 16.94
N GLU C 187 -29.43 36.32 17.55
CA GLU C 187 -30.56 35.66 18.28
C GLU C 187 -31.45 34.80 17.39
N ASP C 188 -31.68 35.20 16.14
CA ASP C 188 -32.52 34.37 15.24
C ASP C 188 -31.84 33.09 14.74
N ILE C 189 -30.56 33.20 14.41
CA ILE C 189 -29.79 32.00 14.10
C ILE C 189 -29.81 31.02 15.35
N HIS C 190 -29.56 31.56 16.53
CA HIS C 190 -29.45 30.71 17.76
C HIS C 190 -30.81 29.93 17.99
N ASN C 191 -31.89 30.65 17.70
CA ASN C 191 -33.25 30.07 17.77
C ASN C 191 -33.50 28.92 16.87
N ASP C 192 -33.03 29.02 15.63
CA ASP C 192 -33.16 27.94 14.72
C ASP C 192 -32.37 26.74 15.17
N ILE C 193 -31.14 26.98 15.64
CA ILE C 193 -30.25 25.91 16.11
C ILE C 193 -30.86 25.23 17.34
N VAL C 194 -31.34 25.99 18.31
CA VAL C 194 -31.97 25.42 19.50
C VAL C 194 -33.16 24.56 19.06
N LYS C 195 -33.98 25.07 18.14
CA LYS C 195 -35.14 24.31 17.68
C LYS C 195 -34.70 22.94 17.12
N GLU C 196 -33.59 22.90 16.38
CA GLU C 196 -33.09 21.62 15.87
C GLU C 196 -32.53 20.72 16.98
N VAL C 197 -31.82 21.34 17.91
CA VAL C 197 -31.18 20.60 18.98
C VAL C 197 -32.26 19.94 19.87
N THR C 198 -33.37 20.66 20.07
CA THR C 198 -34.55 20.13 20.76
C THR C 198 -35.05 18.80 20.24
N LYS C 199 -34.87 18.53 18.95
CA LYS C 199 -35.35 17.33 18.33
C LYS C 199 -34.52 16.10 18.52
N ILE C 200 -33.35 16.26 19.10
CA ILE C 200 -32.38 15.14 19.26
C ILE C 200 -32.82 14.23 20.42
N LYS C 201 -32.85 12.92 20.20
CA LYS C 201 -33.33 12.02 21.26
C LYS C 201 -32.09 11.45 21.92
N VAL C 202 -31.97 11.59 23.23
CA VAL C 202 -30.71 11.23 23.87
C VAL C 202 -30.85 9.86 24.44
N GLU C 203 -30.23 8.88 23.87
CA GLU C 203 -30.22 7.58 24.45
C GLU C 203 -28.93 6.94 24.05
N PRO C 204 -28.40 6.05 24.86
CA PRO C 204 -27.10 5.45 24.53
C PRO C 204 -27.13 4.80 23.13
N GLU C 205 -26.04 4.88 22.36
CA GLU C 205 -26.02 4.31 20.99
C GLU C 205 -24.60 3.92 20.67
N GLU C 206 -24.39 3.24 19.55
CA GLU C 206 -23.02 2.91 19.14
C GLU C 206 -22.29 4.17 18.66
N PHE C 207 -20.99 4.20 18.83
CA PHE C 207 -20.18 5.22 18.11
C PHE C 207 -20.24 4.96 16.60
N ASN C 208 -20.27 6.01 15.80
CA ASN C 208 -20.04 5.85 14.36
C ASN C 208 -18.80 6.67 13.95
N PHE C 209 -18.31 6.43 12.74
CA PHE C 209 -17.01 6.97 12.35
C PHE C 209 -17.08 7.50 10.90
N LEU C 210 -16.23 8.49 10.62
CA LEU C 210 -16.15 9.05 9.27
C LEU C 210 -15.59 7.95 8.37
N TRP C 211 -16.02 7.84 7.11
CA TRP C 211 -17.01 8.76 6.51
C TRP C 211 -18.38 8.00 6.27
N SER C 212 -18.79 7.18 7.25
N SER C 212 -18.85 7.25 7.28
CA SER C 212 -20.03 6.38 7.17
CA SER C 212 -20.11 6.52 7.17
C SER C 212 -21.30 7.23 7.12
C SER C 212 -21.37 7.35 7.48
#